data_7PMT
#
_entry.id   7PMT
#
_cell.length_a   57.153
_cell.length_b   57.153
_cell.length_c   87.703
_cell.angle_alpha   90.000
_cell.angle_beta   90.000
_cell.angle_gamma   90.000
#
_symmetry.space_group_name_H-M   'P 41 21 2'
#
loop_
_entity.id
_entity.type
_entity.pdbx_description
1 polymer 'Peptidyl-prolyl cis-trans isomerase F, mitochondrial'
2 non-polymer 'DIMETHYL SULFOXIDE'
3 non-polymer ~{N}-[(5-ethyl-4-oxidanylidene-1,2,3,6-tetrahydro-1,5-benzodiazocin-8-yl)methyl]-7-methyl-2-oxidanylidene-1,3-dihydropyrazolo[1,5-a]pyrimidine-6-carboxamide
4 water water
#
_entity_poly.entity_id   1
_entity_poly.type   'polypeptide(L)'
_entity_poly.pdbx_seq_one_letter_code
;MGNPLVYLDVDANGKPLGRVVLELKADVVPKTAENFRALCTGEKGFGYKGSTFHRVIPSFMCQAGDFTNHNGTGGKSIYG
SRFPDENFTLKHVGPGVLSMANAGPNTNGSQFFICTIKTDWLDGKHVVFGHVIEGMDVVKKIESFGSKSGRTSKKIVITD
CGQLS
;
_entity_poly.pdbx_strand_id   A
#
# COMPACT_ATOMS: atom_id res chain seq x y z
N GLY A 2 19.14 8.17 -4.26
CA GLY A 2 17.85 8.77 -4.00
C GLY A 2 16.78 7.74 -3.65
N ASN A 3 15.68 8.24 -3.08
CA ASN A 3 14.59 7.37 -2.68
C ASN A 3 13.89 6.79 -3.90
N PRO A 4 13.51 5.51 -3.85
CA PRO A 4 12.79 4.93 -4.99
C PRO A 4 11.47 5.63 -5.27
N LEU A 5 11.15 5.71 -6.56
CA LEU A 5 9.80 5.99 -7.04
C LEU A 5 9.25 4.71 -7.66
N VAL A 6 8.06 4.31 -7.24
CA VAL A 6 7.39 3.13 -7.77
C VAL A 6 5.99 3.51 -8.23
N TYR A 7 5.37 2.62 -8.99
CA TYR A 7 4.05 2.89 -9.52
C TYR A 7 3.14 1.69 -9.36
N LEU A 8 1.85 1.99 -9.23
CA LEU A 8 0.75 1.03 -9.30
C LEU A 8 -0.22 1.52 -10.37
N ASP A 9 -0.49 0.68 -11.38
CA ASP A 9 -1.54 0.95 -12.35
C ASP A 9 -2.77 0.18 -11.91
N VAL A 10 -3.90 0.88 -11.75
CA VAL A 10 -5.07 0.33 -11.08
C VAL A 10 -6.27 0.36 -12.02
N ASP A 11 -6.98 -0.79 -12.11
CA ASP A 11 -8.26 -0.94 -12.78
C ASP A 11 -9.38 -0.97 -11.74
N ALA A 12 -10.58 -0.56 -12.16
CA ALA A 12 -11.81 -0.84 -11.42
C ALA A 12 -12.76 -1.52 -12.41
N ASN A 13 -13.24 -2.71 -12.04
CA ASN A 13 -14.09 -3.50 -12.92
C ASN A 13 -13.52 -3.59 -14.33
N GLY A 14 -12.21 -3.79 -14.41
CA GLY A 14 -11.55 -4.10 -15.65
C GLY A 14 -11.27 -2.92 -16.54
N LYS A 15 -11.49 -1.70 -16.06
CA LYS A 15 -11.15 -0.52 -16.83
C LYS A 15 -10.16 0.36 -16.06
N PRO A 16 -9.16 0.89 -16.75
CA PRO A 16 -8.07 1.59 -16.06
C PRO A 16 -8.52 2.90 -15.44
N LEU A 17 -8.07 3.12 -14.20
CA LEU A 17 -8.23 4.40 -13.52
C LEU A 17 -7.03 5.32 -13.70
N GLY A 18 -5.87 4.75 -13.99
CA GLY A 18 -4.64 5.50 -14.06
C GLY A 18 -3.58 4.94 -13.13
N ARG A 19 -2.61 5.79 -12.81
CA ARG A 19 -1.39 5.40 -12.14
C ARG A 19 -1.22 6.15 -10.83
N VAL A 20 -0.87 5.42 -9.79
CA VAL A 20 -0.45 6.01 -8.52
C VAL A 20 1.08 5.88 -8.46
N VAL A 21 1.77 7.00 -8.29
CA VAL A 21 3.21 7.02 -8.11
C VAL A 21 3.51 7.29 -6.64
N LEU A 22 4.39 6.48 -6.06
CA LEU A 22 4.73 6.52 -4.64
C LEU A 22 6.22 6.73 -4.48
N GLU A 23 6.59 7.67 -3.59
CA GLU A 23 7.96 7.78 -3.12
C GLU A 23 8.11 6.89 -1.89
N LEU A 24 9.16 6.06 -1.88
CA LEU A 24 9.46 5.19 -0.75
C LEU A 24 10.60 5.82 0.03
N LYS A 25 10.39 6.08 1.31
CA LYS A 25 11.33 6.83 2.14
C LYS A 25 12.42 5.90 2.69
N ALA A 26 13.24 5.41 1.77
CA ALA A 26 14.34 4.53 2.12
C ALA A 26 15.37 5.21 3.00
N ASP A 27 15.41 6.54 2.99
CA ASP A 27 16.32 7.27 3.87
C ASP A 27 15.90 7.17 5.32
N VAL A 28 14.64 6.85 5.61
CA VAL A 28 14.13 6.73 6.97
C VAL A 28 13.89 5.27 7.35
N VAL A 29 13.32 4.51 6.43
CA VAL A 29 12.89 3.13 6.67
C VAL A 29 13.40 2.27 5.51
N PRO A 30 14.70 2.04 5.43
CA PRO A 30 15.24 1.32 4.25
C PRO A 30 14.72 -0.09 4.10
N LYS A 31 14.54 -0.82 5.21
CA LYS A 31 14.11 -2.21 5.09
C LYS A 31 12.67 -2.30 4.59
N THR A 32 11.83 -1.40 5.10
CA THR A 32 10.42 -1.38 4.72
C THR A 32 10.28 -0.89 3.28
N ALA A 33 11.05 0.14 2.91
CA ALA A 33 11.02 0.62 1.54
C ALA A 33 11.47 -0.47 0.56
N GLU A 34 12.54 -1.18 0.90
CA GLU A 34 13.07 -2.19 -0.01
C GLU A 34 12.07 -3.31 -0.23
N ASN A 35 11.39 -3.74 0.83
CA ASN A 35 10.35 -4.75 0.68
C ASN A 35 9.30 -4.30 -0.34
N PHE A 36 8.77 -3.10 -0.17
CA PHE A 36 7.71 -2.64 -1.06
C PHE A 36 8.24 -2.50 -2.49
N ARG A 37 9.44 -1.93 -2.64
CA ARG A 37 10.04 -1.76 -3.96
C ARG A 37 10.12 -3.08 -4.70
N ALA A 38 10.67 -4.11 -4.04
CA ALA A 38 10.84 -5.40 -4.68
C ALA A 38 9.51 -6.07 -4.96
N LEU A 39 8.50 -5.87 -4.11
CA LEU A 39 7.19 -6.43 -4.39
C LEU A 39 6.53 -5.74 -5.59
N CYS A 40 6.86 -4.47 -5.83
CA CYS A 40 6.38 -3.79 -7.03
C CYS A 40 7.06 -4.31 -8.28
N THR A 41 8.38 -4.54 -8.25
CA THR A 41 9.03 -5.03 -9.46
C THR A 41 8.73 -6.50 -9.69
N GLY A 42 8.40 -7.24 -8.64
CA GLY A 42 8.23 -8.67 -8.75
C GLY A 42 9.52 -9.46 -8.86
N GLU A 43 10.66 -8.84 -8.60
CA GLU A 43 11.94 -9.45 -8.93
C GLU A 43 12.28 -10.67 -8.08
N LYS A 44 11.61 -10.88 -6.95
CA LYS A 44 11.82 -12.09 -6.15
C LYS A 44 10.94 -13.24 -6.61
N GLY A 45 10.09 -13.03 -7.62
CA GLY A 45 9.20 -14.05 -8.11
C GLY A 45 7.78 -14.00 -7.60
N PHE A 46 7.45 -12.96 -6.84
CA PHE A 46 6.10 -12.74 -6.32
C PHE A 46 5.99 -11.25 -6.05
N GLY A 47 4.76 -10.78 -5.85
CA GLY A 47 4.56 -9.37 -5.57
C GLY A 47 3.16 -8.93 -5.92
N TYR A 48 3.02 -7.61 -6.08
CA TYR A 48 1.69 -7.01 -6.12
C TYR A 48 0.99 -7.17 -7.46
N LYS A 49 1.68 -7.45 -8.55
CA LYS A 49 1.02 -7.48 -9.84
C LYS A 49 -0.15 -8.45 -9.83
N GLY A 50 -1.32 -7.97 -10.24
CA GLY A 50 -2.51 -8.77 -10.34
C GLY A 50 -3.35 -8.83 -9.09
N SER A 51 -2.87 -8.28 -7.98
CA SER A 51 -3.59 -8.33 -6.72
C SER A 51 -4.51 -7.13 -6.59
N THR A 52 -5.21 -7.03 -5.46
CA THR A 52 -6.36 -6.14 -5.35
C THR A 52 -6.26 -5.18 -4.17
N PHE A 53 -7.05 -4.10 -4.24
CA PHE A 53 -7.41 -3.30 -3.06
C PHE A 53 -8.65 -3.97 -2.50
N HIS A 54 -8.48 -4.73 -1.42
CA HIS A 54 -9.57 -5.57 -0.91
C HIS A 54 -10.37 -4.90 0.19
N ARG A 55 -9.88 -3.83 0.79
CA ARG A 55 -10.53 -3.18 1.93
C ARG A 55 -10.37 -1.69 1.74
N VAL A 56 -11.48 -0.99 1.53
CA VAL A 56 -11.44 0.43 1.23
C VAL A 56 -12.55 1.09 2.04
N ILE A 57 -12.18 2.09 2.85
CA ILE A 57 -13.12 2.77 3.73
C ILE A 57 -13.09 4.25 3.41
N PRO A 58 -14.18 4.79 2.87
CA PRO A 58 -14.20 6.22 2.53
C PRO A 58 -13.92 7.08 3.74
N SER A 59 -13.17 8.16 3.50
CA SER A 59 -12.75 9.08 4.54
C SER A 59 -11.81 8.44 5.54
N PHE A 60 -11.10 7.38 5.12
CA PHE A 60 -10.10 6.72 5.97
C PHE A 60 -8.90 6.30 5.12
N MET A 61 -9.02 5.19 4.40
CA MET A 61 -7.86 4.65 3.69
C MET A 61 -8.27 3.59 2.69
N CYS A 62 -7.33 3.27 1.81
CA CYS A 62 -7.45 2.21 0.82
C CYS A 62 -6.35 1.19 1.08
N GLN A 63 -6.73 -0.07 1.27
CA GLN A 63 -5.80 -1.12 1.68
C GLN A 63 -5.68 -2.21 0.61
N ALA A 64 -4.44 -2.66 0.41
CA ALA A 64 -4.10 -3.62 -0.63
C ALA A 64 -2.93 -4.48 -0.14
N GLY A 65 -2.42 -5.29 -1.05
CA GLY A 65 -1.17 -6.01 -0.81
C GLY A 65 -1.29 -7.45 -0.41
N ASP A 66 -2.50 -7.98 -0.24
CA ASP A 66 -2.64 -9.40 0.08
C ASP A 66 -2.66 -10.19 -1.23
N PHE A 67 -1.46 -10.45 -1.75
CA PHE A 67 -1.33 -11.13 -3.03
C PHE A 67 -1.37 -12.65 -2.90
N THR A 68 -1.53 -13.19 -1.71
CA THR A 68 -1.68 -14.63 -1.55
C THR A 68 -3.13 -15.05 -1.33
N ASN A 69 -3.89 -14.34 -0.48
CA ASN A 69 -5.26 -14.71 -0.16
C ASN A 69 -6.31 -13.68 -0.58
N HIS A 70 -5.88 -12.48 -0.99
CA HIS A 70 -6.75 -11.49 -1.60
C HIS A 70 -7.89 -11.07 -0.69
N ASN A 71 -7.69 -11.17 0.64
CA ASN A 71 -8.79 -10.89 1.55
C ASN A 71 -8.36 -10.29 2.88
N GLY A 72 -7.08 -10.00 3.10
CA GLY A 72 -6.63 -9.42 4.34
C GLY A 72 -5.98 -10.39 5.28
N THR A 73 -6.02 -11.70 4.98
CA THR A 73 -5.38 -12.67 5.85
C THR A 73 -3.97 -13.03 5.42
N GLY A 74 -3.54 -12.63 4.23
CA GLY A 74 -2.30 -13.12 3.67
C GLY A 74 -1.27 -12.05 3.31
N GLY A 75 -0.47 -12.38 2.31
CA GLY A 75 0.71 -11.61 1.96
C GLY A 75 1.95 -12.12 2.68
N LYS A 76 3.11 -11.74 2.14
CA LYS A 76 4.38 -12.10 2.73
C LYS A 76 5.40 -11.07 2.28
N SER A 77 6.48 -10.94 3.06
CA SER A 77 7.54 -10.01 2.71
C SER A 77 8.63 -10.71 1.91
N ILE A 78 9.56 -9.91 1.38
CA ILE A 78 10.72 -10.48 0.71
C ILE A 78 11.69 -11.15 1.66
N TYR A 79 11.55 -10.90 2.96
CA TYR A 79 12.47 -11.42 3.95
C TYR A 79 12.00 -12.74 4.56
N GLY A 80 10.72 -13.05 4.43
CA GLY A 80 10.07 -14.11 5.18
C GLY A 80 8.62 -13.71 5.35
N SER A 81 7.92 -14.45 6.22
CA SER A 81 6.48 -14.22 6.31
C SER A 81 6.15 -12.87 6.92
N ARG A 82 6.97 -12.40 7.88
CA ARG A 82 6.74 -11.13 8.53
C ARG A 82 8.09 -10.53 8.88
N PHE A 83 8.11 -9.22 9.13
CA PHE A 83 9.32 -8.54 9.56
C PHE A 83 9.01 -7.45 10.56
N PRO A 84 10.00 -7.05 11.36
CA PRO A 84 9.74 -6.11 12.46
C PRO A 84 9.32 -4.73 12.01
N ASP A 85 8.68 -4.02 12.94
CA ASP A 85 8.47 -2.58 12.80
C ASP A 85 9.82 -1.88 12.82
N GLU A 86 10.15 -1.20 11.72
CA GLU A 86 11.47 -0.62 11.57
C GLU A 86 11.65 0.60 12.48
N ASN A 87 10.73 1.55 12.37
CA ASN A 87 10.62 2.68 13.30
C ASN A 87 9.27 3.32 13.03
N PHE A 88 8.90 4.25 13.90
CA PHE A 88 7.64 4.99 13.78
C PHE A 88 7.89 6.47 13.54
N THR A 89 9.01 6.79 12.90
CA THR A 89 9.44 8.19 12.80
C THR A 89 8.51 9.03 11.92
N LEU A 90 8.16 8.52 10.74
CA LEU A 90 7.22 9.21 9.87
C LEU A 90 5.81 9.04 10.41
N LYS A 91 5.01 10.10 10.31
CA LYS A 91 3.68 10.13 10.89
C LYS A 91 2.60 10.12 9.81
N HIS A 92 1.39 9.75 10.23
CA HIS A 92 0.22 9.69 9.36
C HIS A 92 -0.36 11.10 9.29
N VAL A 93 0.29 11.94 8.47
CA VAL A 93 0.07 13.38 8.54
C VAL A 93 -1.13 13.86 7.73
N GLY A 94 -1.61 13.07 6.77
CA GLY A 94 -2.66 13.53 5.89
C GLY A 94 -2.89 12.59 4.73
N PRO A 95 -3.75 13.01 3.80
CA PRO A 95 -4.00 12.21 2.61
C PRO A 95 -2.71 11.94 1.86
N GLY A 96 -2.61 10.73 1.33
CA GLY A 96 -1.49 10.32 0.51
C GLY A 96 -0.40 9.57 1.24
N VAL A 97 -0.48 9.47 2.56
CA VAL A 97 0.50 8.71 3.32
C VAL A 97 0.39 7.23 2.98
N LEU A 98 1.54 6.59 2.81
CA LEU A 98 1.68 5.16 2.53
C LEU A 98 2.24 4.48 3.77
N SER A 99 1.55 3.47 4.28
CA SER A 99 1.85 2.86 5.56
C SER A 99 1.59 1.36 5.52
N MET A 100 2.27 0.63 6.41
CA MET A 100 2.13 -0.82 6.45
C MET A 100 0.93 -1.24 7.29
N ALA A 101 0.08 -2.09 6.73
CA ALA A 101 -0.93 -2.78 7.52
C ALA A 101 -0.24 -3.82 8.41
N ASN A 102 -0.91 -4.21 9.49
CA ASN A 102 -0.33 -5.22 10.36
C ASN A 102 -1.41 -5.84 11.23
N ALA A 103 -1.01 -6.88 11.97
CA ALA A 103 -1.86 -7.60 12.90
C ALA A 103 -1.31 -7.49 14.32
N GLY A 104 -0.73 -6.35 14.62
CA GLY A 104 -0.05 -6.14 15.88
C GLY A 104 1.41 -5.84 15.67
N PRO A 105 2.15 -5.61 16.75
CA PRO A 105 3.56 -5.27 16.62
C PRO A 105 4.33 -6.32 15.84
N ASN A 106 5.22 -5.85 14.98
CA ASN A 106 6.20 -6.68 14.29
C ASN A 106 5.54 -7.77 13.44
N THR A 107 4.51 -7.38 12.67
CA THR A 107 3.83 -8.31 11.79
C THR A 107 3.67 -7.72 10.38
N ASN A 108 4.64 -6.93 9.94
CA ASN A 108 4.63 -6.43 8.58
C ASN A 108 4.87 -7.55 7.60
N GLY A 109 4.09 -7.56 6.51
CA GLY A 109 4.28 -8.53 5.45
C GLY A 109 4.34 -7.82 4.13
N SER A 110 3.21 -7.83 3.41
CA SER A 110 3.07 -7.08 2.18
C SER A 110 1.88 -6.16 2.18
N GLN A 111 0.91 -6.33 3.07
CA GLN A 111 -0.27 -5.47 3.04
C GLN A 111 0.09 -4.05 3.45
N PHE A 112 -0.54 -3.08 2.78
CA PHE A 112 -0.25 -1.68 2.95
C PHE A 112 -1.54 -0.89 2.76
N PHE A 113 -1.49 0.38 3.11
CA PHE A 113 -2.63 1.25 2.88
C PHE A 113 -2.16 2.65 2.52
N ILE A 114 -3.03 3.33 1.78
CA ILE A 114 -2.86 4.73 1.42
C ILE A 114 -3.96 5.50 2.12
N CYS A 115 -3.58 6.44 2.97
CA CYS A 115 -4.55 7.22 3.72
C CYS A 115 -5.21 8.26 2.82
N THR A 116 -6.47 8.56 3.12
CA THR A 116 -7.18 9.64 2.43
C THR A 116 -7.51 10.79 3.38
N ILE A 117 -7.03 10.72 4.61
CA ILE A 117 -7.19 11.73 5.66
C ILE A 117 -5.99 11.56 6.60
N LYS A 118 -5.77 12.53 7.47
CA LYS A 118 -4.84 12.38 8.58
C LYS A 118 -5.38 11.30 9.52
N THR A 119 -4.54 10.33 9.88
CA THR A 119 -4.95 9.23 10.75
C THR A 119 -3.98 9.14 11.94
N ASP A 120 -4.04 10.14 12.84
CA ASP A 120 -3.01 10.27 13.86
C ASP A 120 -2.99 9.11 14.84
N TRP A 121 -4.12 8.43 15.03
CA TRP A 121 -4.18 7.34 15.99
C TRP A 121 -3.38 6.14 15.56
N LEU A 122 -2.94 6.09 14.30
CA LEU A 122 -2.10 5.01 13.82
C LEU A 122 -0.62 5.30 14.05
N ASP A 123 -0.27 6.52 14.43
CA ASP A 123 1.13 6.85 14.72
C ASP A 123 1.62 5.97 15.86
N GLY A 124 2.80 5.39 15.70
CA GLY A 124 3.35 4.51 16.70
C GLY A 124 2.85 3.09 16.64
N LYS A 125 1.92 2.80 15.73
CA LYS A 125 1.37 1.46 15.55
C LYS A 125 1.62 0.90 14.16
N HIS A 126 1.58 1.75 13.13
CA HIS A 126 1.85 1.34 11.75
C HIS A 126 3.06 2.12 11.23
N VAL A 127 3.93 1.42 10.52
CA VAL A 127 5.14 2.02 9.96
C VAL A 127 4.79 2.75 8.66
N VAL A 128 4.92 4.07 8.70
CA VAL A 128 4.80 4.90 7.51
C VAL A 128 6.11 4.83 6.73
N PHE A 129 6.00 4.67 5.42
CA PHE A 129 7.19 4.48 4.61
C PHE A 129 7.17 5.20 3.27
N GLY A 130 6.18 6.05 3.00
CA GLY A 130 6.20 6.80 1.76
C GLY A 130 4.97 7.65 1.62
N HIS A 131 4.80 8.17 0.41
CA HIS A 131 3.64 9.01 0.13
C HIS A 131 3.40 9.07 -1.37
N VAL A 132 2.18 9.49 -1.72
CA VAL A 132 1.77 9.66 -3.10
C VAL A 132 2.41 10.90 -3.70
N ILE A 133 3.14 10.69 -4.79
CA ILE A 133 3.77 11.75 -5.60
C ILE A 133 2.83 12.26 -6.68
N GLU A 134 2.09 11.35 -7.29
CA GLU A 134 1.19 11.63 -8.39
C GLU A 134 0.06 10.61 -8.31
N GLY A 135 -1.14 11.01 -8.72
CA GLY A 135 -2.23 10.07 -8.79
C GLY A 135 -3.18 10.09 -7.62
N MET A 136 -3.23 11.16 -6.83
CA MET A 136 -4.26 11.23 -5.82
C MET A 136 -5.65 11.13 -6.43
N ASP A 137 -5.84 11.59 -7.67
CA ASP A 137 -7.15 11.42 -8.30
C ASP A 137 -7.53 9.95 -8.40
N VAL A 138 -6.55 9.10 -8.68
CA VAL A 138 -6.80 7.65 -8.74
C VAL A 138 -7.15 7.14 -7.36
N VAL A 139 -6.42 7.58 -6.33
CA VAL A 139 -6.72 7.18 -4.97
C VAL A 139 -8.14 7.59 -4.59
N LYS A 140 -8.56 8.80 -4.96
CA LYS A 140 -9.92 9.23 -4.63
C LYS A 140 -10.96 8.38 -5.35
N LYS A 141 -10.67 7.95 -6.58
CA LYS A 141 -11.58 7.03 -7.27
C LYS A 141 -11.68 5.72 -6.49
N ILE A 142 -10.54 5.14 -6.13
CA ILE A 142 -10.55 3.89 -5.37
C ILE A 142 -11.38 4.07 -4.10
N GLU A 143 -11.09 5.15 -3.37
CA GLU A 143 -11.78 5.43 -2.12
C GLU A 143 -13.30 5.44 -2.33
N SER A 144 -13.74 6.01 -3.45
CA SER A 144 -15.17 6.14 -3.72
C SER A 144 -15.86 4.80 -3.96
N PHE A 145 -15.09 3.74 -4.18
CA PHE A 145 -15.62 2.40 -4.36
C PHE A 145 -15.55 1.57 -3.08
N GLY A 146 -15.28 2.20 -1.95
CA GLY A 146 -15.30 1.52 -0.67
C GLY A 146 -16.63 1.66 0.04
N SER A 147 -16.63 1.25 1.30
CA SER A 147 -17.82 1.31 2.13
C SER A 147 -17.39 1.32 3.59
N LYS A 148 -18.34 1.59 4.49
CA LYS A 148 -18.02 1.62 5.91
C LYS A 148 -17.42 0.30 6.38
N SER A 149 -17.91 -0.82 5.83
CA SER A 149 -17.44 -2.14 6.21
C SER A 149 -16.10 -2.50 5.59
N GLY A 150 -15.63 -1.69 4.65
CA GLY A 150 -14.43 -1.98 3.90
C GLY A 150 -14.66 -2.74 2.62
N ARG A 151 -15.83 -3.36 2.46
CA ARG A 151 -16.12 -4.10 1.24
C ARG A 151 -16.16 -3.15 0.06
N THR A 152 -15.50 -3.53 -1.02
CA THR A 152 -15.48 -2.71 -2.23
C THR A 152 -16.70 -3.02 -3.10
N SER A 153 -17.16 -1.99 -3.81
CA SER A 153 -18.31 -2.12 -4.70
C SER A 153 -17.90 -2.30 -6.16
N LYS A 154 -16.62 -2.20 -6.46
CA LYS A 154 -16.02 -2.58 -7.74
C LYS A 154 -14.78 -3.40 -7.42
N LYS A 155 -14.38 -4.23 -8.37
CA LYS A 155 -13.16 -5.03 -8.23
C LYS A 155 -11.97 -4.16 -8.61
N ILE A 156 -11.12 -3.87 -7.64
CA ILE A 156 -10.03 -2.91 -7.79
C ILE A 156 -8.73 -3.70 -7.87
N VAL A 157 -8.09 -3.68 -9.03
CA VAL A 157 -6.95 -4.54 -9.34
C VAL A 157 -5.73 -3.70 -9.70
N ILE A 158 -4.59 -4.03 -9.09
CA ILE A 158 -3.29 -3.53 -9.50
C ILE A 158 -2.88 -4.36 -10.72
N THR A 159 -3.09 -3.83 -11.92
CA THR A 159 -2.81 -4.61 -13.12
C THR A 159 -1.32 -4.66 -13.43
N ASP A 160 -0.58 -3.62 -13.08
CA ASP A 160 0.83 -3.50 -13.37
C ASP A 160 1.44 -2.67 -12.25
N CYS A 161 2.72 -2.88 -12.00
CA CYS A 161 3.43 -2.13 -10.99
C CYS A 161 4.92 -2.31 -11.25
N GLY A 162 5.72 -1.41 -10.67
CA GLY A 162 7.14 -1.47 -10.93
C GLY A 162 7.84 -0.26 -10.36
N GLN A 163 9.10 -0.12 -10.77
CA GLN A 163 9.97 0.93 -10.27
C GLN A 163 10.30 1.90 -11.40
N LEU A 164 10.11 3.19 -11.12
CA LEU A 164 10.44 4.26 -12.05
C LEU A 164 11.86 4.78 -11.90
N SER A 165 12.37 4.81 -10.67
CA SER A 165 13.73 5.28 -10.39
C SER A 165 14.13 4.87 -8.98
#